data_7LAU
#
_entry.id   7LAU
#
_cell.length_a   52.740
_cell.length_b   80.840
_cell.length_c   55.760
_cell.angle_alpha   90.000
_cell.angle_beta   90.000
_cell.angle_gamma   90.000
#
_symmetry.space_group_name_H-M   'C 2 2 21'
#
loop_
_entity.id
_entity.type
_entity.pdbx_description
1 polymer 'Bromodomain-containing protein 2'
2 non-polymer 11-cyclopentyl-2-({2-ethoxy-4-[4-(4-methylpiperazin-1-yl)piperidine-1-carbonyl]phenyl}amino)-5-methyl-5,11-dihydro-6H-pyrimido[4,5-b][1,4]benzodiazepin-6-one
3 water water
#
_entity_poly.entity_id   1
_entity_poly.type   'polypeptide(L)'
_entity_poly.pdbx_seq_one_letter_code
;GRVTNQLQYLHKVVMKALWKHQFAWPFRQPVDAVKLGLPDYHKIIKQPMDMGTIKRRLENNYYWAASECMQDFNTMFTNC
YIYNKPTDDIVLMAQTLEKIFLQKVASMPQEEQELVVTIPKN
;
_entity_poly.pdbx_strand_id   A
#
# COMPACT_ATOMS: atom_id res chain seq x y z
N THR A 4 2.51 8.09 17.69
CA THR A 4 1.28 8.86 17.87
C THR A 4 0.01 8.00 17.77
N ASN A 5 -1.09 8.59 18.23
CA ASN A 5 -2.38 7.93 18.16
C ASN A 5 -2.70 7.61 16.71
N GLN A 6 -2.34 8.51 15.79
CA GLN A 6 -2.65 8.30 14.38
C GLN A 6 -1.84 7.16 13.78
N LEU A 7 -0.55 7.09 14.08
CA LEU A 7 0.26 5.98 13.56
C LEU A 7 -0.21 4.66 14.19
N GLN A 8 -0.53 4.69 15.48
CA GLN A 8 -1.11 3.51 16.11
C GLN A 8 -2.38 3.05 15.40
N TYR A 9 -3.23 4.00 15.01
CA TYR A 9 -4.43 3.66 14.26
C TYR A 9 -4.09 3.06 12.88
N LEU A 10 -3.14 3.67 12.18
CA LEU A 10 -2.73 3.16 10.87
C LEU A 10 -2.19 1.74 10.96
N HIS A 11 -1.52 1.41 12.06
CA HIS A 11 -0.95 0.08 12.24
C HIS A 11 -2.05 -0.91 12.62
N LYS A 12 -2.78 -0.61 13.68
CA LYS A 12 -3.70 -1.57 14.29
C LYS A 12 -5.11 -1.57 13.71
N VAL A 13 -5.50 -0.57 12.92
CA VAL A 13 -6.81 -0.55 12.25
C VAL A 13 -6.70 -0.67 10.74
N VAL A 14 -5.94 0.23 10.11
CA VAL A 14 -5.96 0.31 8.66
C VAL A 14 -5.18 -0.89 8.10
N MET A 15 -3.93 -1.04 8.53
CA MET A 15 -3.14 -2.16 8.05
C MET A 15 -3.72 -3.48 8.50
N LYS A 16 -4.31 -3.54 9.70
CA LYS A 16 -4.87 -4.81 10.13
C LYS A 16 -5.98 -5.25 9.16
N ALA A 17 -6.81 -4.30 8.70
CA ALA A 17 -7.90 -4.61 7.77
C ALA A 17 -7.37 -4.93 6.38
N LEU A 18 -6.39 -4.15 5.89
CA LEU A 18 -5.91 -4.35 4.54
C LEU A 18 -5.06 -5.61 4.40
N TRP A 19 -4.24 -5.92 5.40
CA TRP A 19 -3.30 -7.02 5.32
C TRP A 19 -3.98 -8.36 5.12
N LYS A 20 -5.15 -8.54 5.74
CA LYS A 20 -5.86 -9.81 5.75
C LYS A 20 -6.89 -9.93 4.64
N HIS A 21 -7.06 -8.89 3.83
CA HIS A 21 -8.06 -8.92 2.78
C HIS A 21 -7.71 -9.96 1.72
N GLN A 22 -8.74 -10.57 1.12
CA GLN A 22 -8.49 -11.57 0.08
C GLN A 22 -7.68 -10.98 -1.06
N PHE A 23 -7.76 -9.67 -1.30
CA PHE A 23 -7.05 -9.06 -2.42
C PHE A 23 -5.68 -8.54 -2.00
N ALA A 24 -5.26 -8.80 -0.76
CA ALA A 24 -4.05 -8.18 -0.24
C ALA A 24 -2.81 -8.85 -0.79
N TRP A 25 -2.95 -10.11 -1.19
CA TRP A 25 -1.76 -10.95 -1.40
C TRP A 25 -0.76 -10.40 -2.41
N PRO A 26 -1.13 -9.79 -3.54
CA PRO A 26 -0.09 -9.27 -4.44
C PRO A 26 0.68 -8.08 -3.87
N PHE A 27 0.19 -7.48 -2.78
CA PHE A 27 0.77 -6.26 -2.21
C PHE A 27 1.50 -6.47 -0.90
N ARG A 28 1.64 -7.69 -0.43
CA ARG A 28 2.22 -7.99 0.88
C ARG A 28 3.73 -7.99 0.84
N GLN A 29 4.29 -7.99 -0.36
CA GLN A 29 5.73 -7.92 -0.56
C GLN A 29 6.00 -7.17 -1.86
N PRO A 30 7.25 -6.75 -2.08
CA PRO A 30 7.56 -5.96 -3.29
C PRO A 30 7.25 -6.70 -4.58
N VAL A 31 6.85 -5.92 -5.59
CA VAL A 31 6.78 -6.47 -6.95
C VAL A 31 8.15 -7.04 -7.32
N ASP A 32 8.17 -8.31 -7.69
CA ASP A 32 9.37 -9.03 -8.09
C ASP A 32 9.40 -9.02 -9.62
N ALA A 33 9.96 -7.95 -10.20
CA ALA A 33 9.91 -7.79 -11.65
C ALA A 33 10.60 -8.94 -12.37
N VAL A 34 11.60 -9.55 -11.76
CA VAL A 34 12.30 -10.66 -12.38
C VAL A 34 11.40 -11.89 -12.42
N LYS A 35 10.78 -12.24 -11.29
CA LYS A 35 9.89 -13.41 -11.29
C LYS A 35 8.66 -13.18 -12.16
N LEU A 36 8.24 -11.93 -12.32
CA LEU A 36 7.06 -11.63 -13.11
C LEU A 36 7.38 -11.43 -14.60
N GLY A 37 8.64 -11.43 -15.00
CA GLY A 37 8.97 -11.24 -16.41
C GLY A 37 8.69 -9.85 -16.92
N LEU A 38 8.97 -8.83 -16.10
CA LEU A 38 8.65 -7.42 -16.36
C LEU A 38 9.94 -6.59 -16.42
N PRO A 39 10.67 -6.65 -17.53
CA PRO A 39 11.96 -5.91 -17.59
C PRO A 39 11.82 -4.39 -17.54
N ASP A 40 10.63 -3.84 -17.79
CA ASP A 40 10.34 -2.41 -17.75
C ASP A 40 9.72 -1.90 -16.44
N TYR A 41 9.42 -2.77 -15.46
CA TYR A 41 8.73 -2.33 -14.25
C TYR A 41 9.49 -1.24 -13.52
N HIS A 42 10.79 -1.43 -13.32
CA HIS A 42 11.60 -0.47 -12.59
C HIS A 42 12.05 0.69 -13.46
N LYS A 43 11.87 0.59 -14.79
CA LYS A 43 12.09 1.74 -15.64
C LYS A 43 10.93 2.73 -15.51
N ILE A 44 9.72 2.20 -15.30
CA ILE A 44 8.51 3.01 -15.18
C ILE A 44 8.23 3.39 -13.72
N ILE A 45 8.44 2.47 -12.78
CA ILE A 45 8.11 2.67 -11.37
C ILE A 45 9.41 2.98 -10.62
N LYS A 46 9.60 4.27 -10.29
CA LYS A 46 10.83 4.75 -9.69
C LYS A 46 10.81 4.63 -8.16
N GLN A 47 9.64 4.52 -7.55
CA GLN A 47 9.50 4.30 -6.11
C GLN A 47 8.62 3.11 -5.83
N PRO A 48 9.18 1.90 -5.83
CA PRO A 48 8.38 0.73 -5.46
C PRO A 48 7.90 0.85 -4.02
N MET A 49 6.71 0.31 -3.75
CA MET A 49 6.19 0.29 -2.40
C MET A 49 5.22 -0.87 -2.29
N ASP A 50 5.13 -1.43 -1.07
CA ASP A 50 4.30 -2.60 -0.82
C ASP A 50 3.87 -2.59 0.65
N MET A 51 2.88 -3.42 0.98
CA MET A 51 2.36 -3.41 2.35
C MET A 51 3.35 -4.03 3.33
N GLY A 52 4.16 -5.01 2.90
CA GLY A 52 5.19 -5.55 3.79
C GLY A 52 6.17 -4.48 4.24
N THR A 53 6.58 -3.61 3.31
CA THR A 53 7.47 -2.51 3.65
C THR A 53 6.79 -1.55 4.62
N ILE A 54 5.55 -1.16 4.32
CA ILE A 54 4.81 -0.25 5.19
C ILE A 54 4.63 -0.86 6.57
N LYS A 55 4.29 -2.14 6.63
CA LYS A 55 4.08 -2.82 7.90
C LYS A 55 5.37 -2.84 8.72
N ARG A 56 6.50 -3.15 8.06
CA ARG A 56 7.79 -3.13 8.72
C ARG A 56 8.11 -1.74 9.25
N ARG A 57 7.79 -0.71 8.45
CA ARG A 57 8.04 0.67 8.86
C ARG A 57 7.22 1.02 10.09
N LEU A 58 5.97 0.58 10.13
CA LEU A 58 5.14 0.81 11.31
C LEU A 58 5.67 0.06 12.53
N GLU A 59 6.13 -1.18 12.34
CA GLU A 59 6.67 -1.95 13.47
C GLU A 59 7.94 -1.34 14.05
N ASN A 60 8.76 -0.69 13.22
CA ASN A 60 10.03 -0.14 13.65
C ASN A 60 9.93 1.35 13.98
N ASN A 61 8.70 1.87 14.04
CA ASN A 61 8.44 3.28 14.31
C ASN A 61 9.26 4.15 13.38
N TYR A 62 9.26 3.76 12.10
CA TYR A 62 10.01 4.49 11.08
C TYR A 62 9.37 5.83 10.75
N TYR A 63 8.05 5.96 10.83
CA TYR A 63 7.39 7.16 10.34
C TYR A 63 7.44 8.24 11.40
N TRP A 64 7.57 9.48 10.92
CA TRP A 64 7.47 10.64 11.77
C TRP A 64 6.08 11.28 11.78
N ALA A 65 5.24 10.98 10.80
CA ALA A 65 3.93 11.61 10.64
C ALA A 65 2.99 10.64 9.93
N ALA A 66 1.73 10.62 10.36
CA ALA A 66 0.75 9.75 9.70
C ALA A 66 0.70 10.01 8.19
N SER A 67 0.87 11.27 7.78
CA SER A 67 0.77 11.58 6.36
C SER A 67 1.85 10.84 5.54
N GLU A 68 3.04 10.59 6.10
CA GLU A 68 4.06 9.84 5.38
C GLU A 68 3.65 8.40 5.12
N CYS A 69 3.03 7.76 6.12
CA CYS A 69 2.56 6.40 5.95
C CYS A 69 1.44 6.36 4.91
N MET A 70 0.54 7.35 4.99
CA MET A 70 -0.53 7.46 4.01
C MET A 70 0.06 7.61 2.61
N GLN A 71 1.16 8.37 2.48
CA GLN A 71 1.80 8.50 1.17
C GLN A 71 2.41 7.20 0.70
N ASP A 72 2.90 6.37 1.61
CA ASP A 72 3.41 5.08 1.17
C ASP A 72 2.29 4.20 0.63
N PHE A 73 1.16 4.16 1.35
CA PHE A 73 -0.02 3.44 0.83
C PHE A 73 -0.43 3.97 -0.55
N ASN A 74 -0.49 5.30 -0.67
CA ASN A 74 -0.91 5.90 -1.92
C ASN A 74 0.05 5.56 -3.04
N THR A 75 1.35 5.62 -2.77
CA THR A 75 2.34 5.29 -3.79
C THR A 75 2.19 3.86 -4.26
N MET A 76 1.93 2.93 -3.33
CA MET A 76 1.73 1.53 -3.71
C MET A 76 0.56 1.40 -4.69
N PHE A 77 -0.55 2.06 -4.37
CA PHE A 77 -1.72 1.96 -5.23
C PHE A 77 -1.46 2.63 -6.59
N THR A 78 -0.88 3.83 -6.57
CA THR A 78 -0.62 4.56 -7.79
C THR A 78 0.38 3.82 -8.68
N ASN A 79 1.41 3.22 -8.09
CA ASN A 79 2.31 2.38 -8.87
C ASN A 79 1.50 1.34 -9.64
N CYS A 80 0.54 0.72 -8.96
CA CYS A 80 -0.25 -0.32 -9.61
C CYS A 80 -1.10 0.25 -10.74
N TYR A 81 -1.77 1.39 -10.51
CA TYR A 81 -2.58 1.98 -11.58
C TYR A 81 -1.74 2.46 -12.76
N ILE A 82 -0.53 2.95 -12.51
CA ILE A 82 0.30 3.53 -13.56
C ILE A 82 0.97 2.46 -14.40
N TYR A 83 1.43 1.35 -13.77
CA TYR A 83 2.16 0.33 -14.54
C TYR A 83 1.23 -0.59 -15.32
N ASN A 84 0.04 -0.88 -14.81
CA ASN A 84 -0.72 -1.95 -15.42
C ASN A 84 -1.71 -1.35 -16.40
N LYS A 85 -2.43 -2.21 -17.03
CA LYS A 85 -3.37 -1.80 -18.06
C LYS A 85 -4.73 -1.65 -17.40
N PRO A 86 -5.54 -0.75 -17.93
CA PRO A 86 -6.82 -0.44 -17.27
C PRO A 86 -7.66 -1.68 -16.98
N THR A 87 -7.56 -2.73 -17.79
CA THR A 87 -8.44 -3.90 -17.69
C THR A 87 -7.85 -5.00 -16.84
N ASP A 88 -6.63 -4.83 -16.33
CA ASP A 88 -6.01 -5.85 -15.48
C ASP A 88 -6.80 -6.02 -14.19
N ASP A 89 -6.90 -7.27 -13.75
CA ASP A 89 -7.57 -7.59 -12.50
C ASP A 89 -6.88 -6.92 -11.30
N ILE A 90 -5.55 -6.80 -11.37
CA ILE A 90 -4.77 -6.22 -10.27
C ILE A 90 -5.15 -4.76 -10.01
N VAL A 91 -5.56 -4.04 -11.05
CA VAL A 91 -6.00 -2.66 -10.86
C VAL A 91 -7.29 -2.62 -10.04
N LEU A 92 -8.22 -3.52 -10.35
CA LEU A 92 -9.46 -3.62 -9.59
C LEU A 92 -9.20 -4.05 -8.14
N MET A 93 -8.19 -4.89 -7.92
CA MET A 93 -7.85 -5.30 -6.56
C MET A 93 -7.30 -4.11 -5.77
N ALA A 94 -6.39 -3.37 -6.40
CA ALA A 94 -5.90 -2.13 -5.80
C ALA A 94 -7.04 -1.18 -5.49
N GLN A 95 -8.01 -1.03 -6.39
CA GLN A 95 -9.11 -0.10 -6.13
C GLN A 95 -9.92 -0.53 -4.91
N THR A 96 -10.16 -1.84 -4.76
CA THR A 96 -10.92 -2.30 -3.61
C THR A 96 -10.17 -2.06 -2.30
N LEU A 97 -8.86 -2.35 -2.31
CA LEU A 97 -8.04 -2.09 -1.14
C LEU A 97 -7.95 -0.61 -0.83
N GLU A 98 -7.82 0.22 -1.87
CA GLU A 98 -7.69 1.66 -1.65
C GLU A 98 -8.98 2.24 -1.08
N LYS A 99 -10.14 1.71 -1.51
CA LYS A 99 -11.40 2.17 -0.93
C LYS A 99 -11.46 1.85 0.55
N ILE A 100 -10.99 0.66 0.94
CA ILE A 100 -10.97 0.34 2.36
C ILE A 100 -10.00 1.26 3.10
N PHE A 101 -8.81 1.46 2.52
CA PHE A 101 -7.83 2.40 3.06
C PHE A 101 -8.45 3.77 3.33
N LEU A 102 -9.14 4.34 2.34
CA LEU A 102 -9.73 5.67 2.51
C LEU A 102 -10.85 5.64 3.55
N GLN A 103 -11.68 4.59 3.54
CA GLN A 103 -12.76 4.49 4.51
C GLN A 103 -12.22 4.49 5.93
N LYS A 104 -11.13 3.75 6.17
CA LYS A 104 -10.58 3.69 7.52
C LYS A 104 -9.88 4.99 7.85
N VAL A 105 -9.20 5.59 6.88
CA VAL A 105 -8.51 6.86 7.11
C VAL A 105 -9.52 7.94 7.48
N ALA A 106 -10.76 7.83 7.01
CA ALA A 106 -11.74 8.86 7.32
C ALA A 106 -12.04 8.90 8.81
N SER A 107 -11.76 7.82 9.53
CA SER A 107 -11.99 7.75 10.97
C SER A 107 -10.70 7.78 11.79
N MET A 108 -9.56 8.16 11.20
CA MET A 108 -8.37 8.25 12.02
C MET A 108 -8.48 9.38 13.05
N PRO A 109 -7.95 9.18 14.26
CA PRO A 109 -7.85 10.25 15.26
C PRO A 109 -7.10 11.49 14.80
N GLN A 110 -7.54 12.67 15.23
CA GLN A 110 -6.74 13.79 14.77
C GLN A 110 -5.51 13.80 15.68
N GLU A 111 -4.54 14.66 15.39
CA GLU A 111 -3.33 14.73 16.20
C GLU A 111 -3.38 16.02 17.02
#